data_5ALI
#
_entry.id   5ALI
#
_cell.length_a   92.588
_cell.length_b   92.588
_cell.length_c   244.362
_cell.angle_alpha   90.00
_cell.angle_beta   90.00
_cell.angle_gamma   120.00
#
_symmetry.space_group_name_H-M   'P 65 2 2'
#
loop_
_entity.id
_entity.type
_entity.pdbx_description
1 polymer 'BIFUNCTIONAL EPOXIDE HYDROLASE 2'
2 non-polymer 'SULFATE ION'
3 non-polymer DI(HYDROXYETHYL)ETHER
4 non-polymer 1-[3-[5-(7-aminothiazolo[5,4-d]pyrimidin-2-yl)-1-[[(2S)-tetrahydrofuran-2-yl]methyl]imidazol-4-yl]phenyl]-3-(4-methoxyphenyl)urea
5 water water
#
_entity_poly.entity_id   1
_entity_poly.type   'polypeptide(L)'
_entity_poly.pdbx_seq_one_letter_code
;GMTLRAAVFDLDGVLALPAVFGVLGRTEEALALPRGLLNDAFQKGGPEGATTRLMKGEITLSQWIPLMEENCRKCSETAK
VCLPKNFSIKEIFDKAISARKINRPMLQAALMLRKKGFTTAILTNTWLDDRAERDGLAQLMCELKMHFDFLIESCQVGMV
KPEPQIYKFLLDTLKASPSEVVFLDDIGANLKPARDLGMVTILVQDTDTALKELEKVTGIQLLNTPAPLPTSCNPSDMSH
GYVTVKPRVRLHFVELGSGPAVCLCHGFPESWYSWRYQIPALAQAGYRVLAMDMKGYGESSAPPEIEEYCMEVLCKEMVT
FLDKLGLSQAVFIGHDWGGMLVWYMALFYPERVRAVASLNTPFIPANPNMSPLESIKANPVFDYQLYFQEPGVAEAELEQ
NLSRTFKSLFRASDESVLSMHKVCEAGGLFVNSPEEPSLSRMVTEEEIQFYVQQFKKSGFRGPLNWYRNMERNWKWACKS
LGRKILIPALMVTAEKDFVLVPQMSQHMEDWIPHLKRGHIEDCGHWTQMDKPTEVNQILIKWLDSDARN
;
_entity_poly.pdbx_strand_id   A
#
loop_
_chem_comp.id
_chem_comp.type
_chem_comp.name
_chem_comp.formula
PEG non-polymer DI(HYDROXYETHYL)ETHER 'C4 H10 O3'
Q3B non-polymer 1-[3-[5-(7-aminothiazolo[5,4-d]pyrimidin-2-yl)-1-[[(2S)-tetrahydrofuran-2-yl]methyl]imidazol-4-yl]phenyl]-3-(4-methoxyphenyl)urea 'C27 H26 N8 O3 S'
SO4 non-polymer 'SULFATE ION' 'O4 S -2'
#
# COMPACT_ATOMS: atom_id res chain seq x y z
N THR A 3 -29.77 10.83 -9.64
CA THR A 3 -30.51 9.93 -8.76
C THR A 3 -29.67 8.71 -8.34
N LEU A 4 -28.71 8.27 -9.18
CA LEU A 4 -27.84 7.13 -8.91
C LEU A 4 -26.79 7.52 -7.85
N ARG A 5 -26.65 6.68 -6.81
CA ARG A 5 -25.67 6.92 -5.73
C ARG A 5 -25.01 5.64 -5.17
N ALA A 6 -25.30 4.47 -5.77
CA ALA A 6 -24.71 3.21 -5.32
C ALA A 6 -24.40 2.30 -6.48
N ALA A 7 -23.25 1.61 -6.40
CA ALA A 7 -22.86 0.68 -7.45
C ALA A 7 -22.55 -0.67 -6.84
N VAL A 8 -23.20 -1.72 -7.34
CA VAL A 8 -23.04 -3.08 -6.82
C VAL A 8 -22.38 -3.91 -7.90
N PHE A 9 -21.35 -4.67 -7.51
CA PHE A 9 -20.58 -5.51 -8.42
C PHE A 9 -20.61 -6.99 -8.01
N ASP A 10 -20.78 -7.88 -9.00
CA ASP A 10 -20.65 -9.32 -8.73
C ASP A 10 -19.13 -9.59 -8.64
N LEU A 11 -18.75 -10.77 -8.12
CA LEU A 11 -17.33 -11.14 -8.04
C LEU A 11 -16.94 -11.91 -9.30
N ASP A 12 -17.42 -13.16 -9.45
CA ASP A 12 -17.07 -14.03 -10.58
C ASP A 12 -17.57 -13.46 -11.92
N GLY A 13 -16.63 -13.22 -12.84
CA GLY A 13 -16.94 -12.66 -14.14
C GLY A 13 -17.10 -11.15 -14.20
N VAL A 14 -16.99 -10.45 -13.05
CA VAL A 14 -17.13 -9.00 -13.03
C VAL A 14 -15.89 -8.39 -12.38
N LEU A 15 -15.71 -8.57 -11.05
CA LEU A 15 -14.49 -8.04 -10.39
C LEU A 15 -13.29 -8.99 -10.48
N ALA A 16 -13.52 -10.25 -10.87
CA ALA A 16 -12.46 -11.25 -10.96
C ALA A 16 -12.60 -12.10 -12.24
N LEU A 17 -11.48 -12.23 -12.98
CA LEU A 17 -11.42 -12.98 -14.26
C LEU A 17 -10.22 -13.91 -14.37
N PRO A 18 -10.30 -15.03 -15.13
CA PRO A 18 -11.50 -15.56 -15.79
C PRO A 18 -12.48 -16.10 -14.76
N ALA A 19 -13.77 -16.10 -15.09
CA ALA A 19 -14.82 -16.62 -14.22
C ALA A 19 -14.58 -18.10 -13.92
N VAL A 20 -14.64 -18.47 -12.62
CA VAL A 20 -14.48 -19.85 -12.12
C VAL A 20 -15.52 -20.76 -12.81
N PHE A 21 -16.72 -20.20 -13.11
CA PHE A 21 -17.84 -20.86 -13.78
C PHE A 21 -17.53 -21.26 -15.22
N GLY A 22 -16.75 -20.44 -15.93
CA GLY A 22 -16.33 -20.69 -17.31
C GLY A 22 -15.33 -21.80 -17.49
N VAL A 23 -14.79 -22.33 -16.37
CA VAL A 23 -13.81 -23.41 -16.35
C VAL A 23 -14.51 -24.77 -16.53
N LEU A 24 -15.83 -24.82 -16.23
CA LEU A 24 -16.59 -26.04 -16.43
C LEU A 24 -16.72 -26.31 -17.94
N GLY A 25 -16.95 -25.24 -18.71
CA GLY A 25 -17.01 -25.28 -20.17
C GLY A 25 -15.67 -25.62 -20.79
N ARG A 26 -14.57 -25.00 -20.29
CA ARG A 26 -13.19 -25.24 -20.79
C ARG A 26 -12.79 -26.68 -20.56
N THR A 27 -13.18 -27.24 -19.40
CA THR A 27 -12.88 -28.63 -19.03
C THR A 27 -13.59 -29.61 -19.94
N GLU A 28 -14.89 -29.38 -20.22
CA GLU A 28 -15.68 -30.21 -21.13
C GLU A 28 -14.95 -30.27 -22.50
N GLU A 29 -14.53 -29.09 -23.03
CA GLU A 29 -13.82 -28.95 -24.31
C GLU A 29 -12.47 -29.65 -24.33
N ALA A 30 -11.65 -29.44 -23.28
CA ALA A 30 -10.32 -30.04 -23.12
C ALA A 30 -10.37 -31.57 -22.97
N LEU A 31 -11.42 -32.10 -22.27
CA LEU A 31 -11.57 -33.54 -22.10
C LEU A 31 -12.51 -34.16 -23.12
N ALA A 32 -12.96 -33.38 -24.12
CA ALA A 32 -13.91 -33.80 -25.15
C ALA A 32 -15.14 -34.51 -24.53
N LEU A 33 -15.71 -33.88 -23.48
CA LEU A 33 -16.91 -34.40 -22.82
C LEU A 33 -18.12 -33.80 -23.52
N PRO A 34 -19.35 -34.37 -23.39
CA PRO A 34 -20.51 -33.73 -24.00
C PRO A 34 -20.68 -32.30 -23.51
N ARG A 35 -20.98 -31.36 -24.44
CA ARG A 35 -21.15 -29.96 -24.10
C ARG A 35 -22.22 -29.79 -23.00
N GLY A 36 -21.89 -29.00 -21.98
CA GLY A 36 -22.80 -28.70 -20.89
C GLY A 36 -22.89 -29.72 -19.76
N LEU A 37 -22.25 -30.92 -19.93
CA LEU A 37 -22.23 -32.02 -18.95
C LEU A 37 -21.83 -31.56 -17.53
N LEU A 38 -20.71 -30.82 -17.42
CA LEU A 38 -20.19 -30.35 -16.14
C LEU A 38 -21.05 -29.24 -15.56
N ASN A 39 -21.50 -28.30 -16.42
CA ASN A 39 -22.36 -27.19 -16.00
C ASN A 39 -23.72 -27.73 -15.51
N ASP A 40 -24.17 -28.84 -16.11
CA ASP A 40 -25.44 -29.45 -15.73
C ASP A 40 -25.32 -30.18 -14.38
N ALA A 41 -24.20 -30.89 -14.15
CA ALA A 41 -23.93 -31.57 -12.89
C ALA A 41 -23.75 -30.53 -11.76
N PHE A 42 -23.19 -29.36 -12.09
CA PHE A 42 -22.98 -28.25 -11.17
C PHE A 42 -24.33 -27.67 -10.68
N GLN A 43 -25.27 -27.42 -11.60
CA GLN A 43 -26.56 -26.86 -11.20
C GLN A 43 -27.65 -27.91 -10.88
N LYS A 44 -27.28 -29.21 -10.89
CA LYS A 44 -28.20 -30.32 -10.60
C LYS A 44 -28.98 -30.13 -9.30
N GLY A 45 -30.30 -30.31 -9.38
CA GLY A 45 -31.22 -30.17 -8.24
C GLY A 45 -31.76 -28.78 -8.03
N GLY A 46 -31.22 -27.81 -8.78
CA GLY A 46 -31.61 -26.40 -8.73
C GLY A 46 -31.61 -25.80 -7.34
N PRO A 47 -32.74 -25.19 -6.89
CA PRO A 47 -32.79 -24.60 -5.54
C PRO A 47 -32.63 -25.59 -4.38
N GLU A 48 -32.84 -26.89 -4.63
CA GLU A 48 -32.69 -27.92 -3.59
C GLU A 48 -31.40 -28.73 -3.75
N GLY A 49 -30.63 -28.45 -4.80
CA GLY A 49 -29.40 -29.17 -5.12
C GLY A 49 -28.22 -28.83 -4.22
N ALA A 50 -27.15 -29.62 -4.38
CA ALA A 50 -25.89 -29.51 -3.64
C ALA A 50 -25.23 -28.13 -3.72
N THR A 51 -25.21 -27.53 -4.94
CA THR A 51 -24.60 -26.22 -5.15
C THR A 51 -25.32 -25.10 -4.43
N THR A 52 -26.67 -25.11 -4.39
CA THR A 52 -27.38 -24.06 -3.64
C THR A 52 -27.06 -24.18 -2.14
N ARG A 53 -26.98 -25.42 -1.63
CA ARG A 53 -26.66 -25.67 -0.21
C ARG A 53 -25.28 -25.09 0.11
N LEU A 54 -24.31 -25.31 -0.79
CA LEU A 54 -22.97 -24.74 -0.70
C LEU A 54 -23.05 -23.20 -0.71
N MET A 55 -23.74 -22.61 -1.71
CA MET A 55 -23.83 -21.15 -1.82
C MET A 55 -24.57 -20.48 -0.63
N LYS A 56 -25.47 -21.20 0.05
CA LYS A 56 -26.19 -20.70 1.22
C LYS A 56 -25.41 -20.85 2.53
N GLY A 57 -24.29 -21.58 2.49
CA GLY A 57 -23.46 -21.85 3.64
C GLY A 57 -23.87 -23.04 4.48
N GLU A 58 -24.75 -23.93 3.96
CA GLU A 58 -25.19 -25.13 4.69
C GLU A 58 -24.05 -26.14 4.83
N ILE A 59 -23.18 -26.20 3.81
CA ILE A 59 -22.03 -27.09 3.75
C ILE A 59 -20.80 -26.31 3.24
N THR A 60 -19.62 -26.85 3.49
CA THR A 60 -18.37 -26.24 3.03
C THR A 60 -17.99 -26.77 1.65
N LEU A 61 -17.05 -26.09 0.98
CA LEU A 61 -16.55 -26.50 -0.33
C LEU A 61 -16.01 -27.95 -0.33
N SER A 62 -15.27 -28.35 0.72
CA SER A 62 -14.77 -29.72 0.82
C SER A 62 -15.87 -30.76 1.03
N GLN A 63 -17.01 -30.37 1.63
CA GLN A 63 -18.15 -31.30 1.72
C GLN A 63 -18.87 -31.39 0.36
N TRP A 64 -18.85 -30.31 -0.41
CA TRP A 64 -19.54 -30.21 -1.71
C TRP A 64 -18.84 -31.05 -2.80
N ILE A 65 -17.49 -31.08 -2.79
CA ILE A 65 -16.68 -31.82 -3.79
C ILE A 65 -17.19 -33.24 -4.09
N PRO A 66 -17.39 -34.14 -3.08
CA PRO A 66 -17.94 -35.48 -3.39
C PRO A 66 -19.34 -35.45 -4.02
N LEU A 67 -20.19 -34.48 -3.60
CA LEU A 67 -21.56 -34.37 -4.14
C LEU A 67 -21.54 -33.97 -5.61
N MET A 68 -20.65 -33.04 -5.99
CA MET A 68 -20.49 -32.60 -7.38
C MET A 68 -20.02 -33.79 -8.25
N GLU A 69 -19.09 -34.60 -7.69
CA GLU A 69 -18.55 -35.80 -8.33
C GLU A 69 -19.66 -36.82 -8.61
N GLU A 70 -20.61 -36.99 -7.64
CA GLU A 70 -21.75 -37.89 -7.81
C GLU A 70 -22.70 -37.39 -8.89
N ASN A 71 -22.94 -36.06 -8.94
CA ASN A 71 -23.77 -35.45 -9.98
C ASN A 71 -23.14 -35.64 -11.37
N CYS A 72 -21.80 -35.53 -11.45
CA CYS A 72 -21.02 -35.72 -12.68
C CYS A 72 -21.16 -37.13 -13.22
N ARG A 73 -21.20 -38.14 -12.32
CA ARG A 73 -21.38 -39.57 -12.64
C ARG A 73 -22.80 -39.79 -13.19
N LYS A 74 -23.83 -39.23 -12.51
CA LYS A 74 -25.23 -39.32 -12.90
C LYS A 74 -25.45 -38.72 -14.30
N CYS A 75 -24.88 -37.52 -14.56
CA CYS A 75 -25.00 -36.81 -15.84
C CYS A 75 -24.36 -37.61 -16.98
N SER A 76 -23.12 -38.13 -16.77
CA SER A 76 -22.39 -38.93 -17.75
C SER A 76 -23.15 -40.25 -18.09
N GLU A 77 -23.80 -40.87 -17.08
CA GLU A 77 -24.62 -42.09 -17.24
C GLU A 77 -25.77 -41.82 -18.23
N THR A 78 -26.55 -40.74 -17.99
CA THR A 78 -27.69 -40.32 -18.79
C THR A 78 -27.27 -39.96 -20.23
N ALA A 79 -26.12 -39.26 -20.37
CA ALA A 79 -25.53 -38.82 -21.65
C ALA A 79 -24.85 -39.99 -22.41
N LYS A 80 -24.76 -41.17 -21.76
CA LYS A 80 -24.14 -42.42 -22.27
C LYS A 80 -22.66 -42.20 -22.63
N VAL A 81 -21.94 -41.53 -21.72
CA VAL A 81 -20.51 -41.21 -21.85
C VAL A 81 -19.75 -41.65 -20.58
N CYS A 82 -18.41 -41.74 -20.69
CA CYS A 82 -17.54 -42.10 -19.58
C CYS A 82 -16.65 -40.94 -19.20
N LEU A 83 -16.54 -40.64 -17.89
CA LEU A 83 -15.65 -39.60 -17.39
C LEU A 83 -14.22 -40.17 -17.44
N PRO A 84 -13.18 -39.35 -17.74
CA PRO A 84 -11.80 -39.90 -17.82
C PRO A 84 -11.28 -40.61 -16.57
N LYS A 85 -10.22 -41.42 -16.75
CA LYS A 85 -9.53 -42.24 -15.75
C LYS A 85 -9.18 -41.49 -14.45
N ASN A 86 -8.57 -40.29 -14.56
CA ASN A 86 -8.17 -39.47 -13.40
C ASN A 86 -8.89 -38.12 -13.31
N PHE A 87 -10.23 -38.16 -13.47
CA PHE A 87 -11.12 -37.01 -13.40
C PHE A 87 -11.25 -36.57 -11.94
N SER A 88 -10.93 -35.30 -11.67
CA SER A 88 -10.95 -34.73 -10.32
C SER A 88 -11.53 -33.33 -10.25
N ILE A 89 -12.69 -33.22 -9.57
CA ILE A 89 -13.39 -31.95 -9.34
C ILE A 89 -12.51 -31.02 -8.50
N LYS A 90 -11.82 -31.57 -7.49
CA LYS A 90 -10.87 -30.82 -6.63
C LYS A 90 -9.79 -30.14 -7.47
N GLU A 91 -9.09 -30.93 -8.35
CA GLU A 91 -8.02 -30.41 -9.21
C GLU A 91 -8.54 -29.26 -10.08
N ILE A 92 -9.69 -29.49 -10.75
CA ILE A 92 -10.35 -28.54 -11.64
C ILE A 92 -10.64 -27.21 -10.92
N PHE A 93 -11.23 -27.29 -9.73
CA PHE A 93 -11.55 -26.11 -8.96
C PHE A 93 -10.33 -25.42 -8.34
N ASP A 94 -9.33 -26.20 -7.88
CA ASP A 94 -8.09 -25.63 -7.35
C ASP A 94 -7.46 -24.73 -8.41
N LYS A 95 -7.34 -25.24 -9.66
CA LYS A 95 -6.76 -24.54 -10.81
C LYS A 95 -7.57 -23.32 -11.23
N ALA A 96 -8.92 -23.44 -11.31
CA ALA A 96 -9.83 -22.35 -11.67
C ALA A 96 -9.74 -21.18 -10.69
N ILE A 97 -9.76 -21.47 -9.37
CA ILE A 97 -9.71 -20.46 -8.31
C ILE A 97 -8.37 -19.70 -8.35
N SER A 98 -7.27 -20.45 -8.49
CA SER A 98 -5.89 -19.93 -8.56
C SER A 98 -5.68 -19.05 -9.78
N ALA A 99 -6.31 -19.39 -10.93
CA ALA A 99 -6.18 -18.63 -12.17
C ALA A 99 -6.99 -17.33 -12.15
N ARG A 100 -8.04 -17.29 -11.32
CA ARG A 100 -8.89 -16.11 -11.19
C ARG A 100 -8.16 -14.96 -10.50
N LYS A 101 -8.04 -13.84 -11.22
CA LYS A 101 -7.32 -12.64 -10.76
C LYS A 101 -8.30 -11.48 -10.78
N ILE A 102 -7.92 -10.40 -10.10
CA ILE A 102 -8.73 -9.19 -10.08
C ILE A 102 -8.80 -8.60 -11.48
N ASN A 103 -10.01 -8.13 -11.86
CA ASN A 103 -10.24 -7.45 -13.12
C ASN A 103 -9.90 -5.98 -12.83
N ARG A 104 -8.62 -5.59 -13.03
CA ARG A 104 -8.10 -4.26 -12.74
C ARG A 104 -8.92 -3.08 -13.28
N PRO A 105 -9.37 -3.05 -14.57
CA PRO A 105 -10.20 -1.93 -15.02
C PRO A 105 -11.58 -1.85 -14.32
N MET A 106 -12.16 -3.01 -13.92
CA MET A 106 -13.44 -3.02 -13.19
C MET A 106 -13.20 -2.45 -11.79
N LEU A 107 -12.11 -2.90 -11.09
CA LEU A 107 -11.75 -2.36 -9.78
C LEU A 107 -11.51 -0.83 -9.84
N GLN A 108 -10.79 -0.35 -10.89
CA GLN A 108 -10.51 1.08 -11.10
C GLN A 108 -11.80 1.87 -11.20
N ALA A 109 -12.80 1.33 -11.93
CA ALA A 109 -14.10 1.98 -12.13
C ALA A 109 -14.84 2.08 -10.80
N ALA A 110 -14.82 0.99 -9.98
CA ALA A 110 -15.45 0.98 -8.66
C ALA A 110 -14.81 2.02 -7.76
N LEU A 111 -13.47 2.09 -7.80
CA LEU A 111 -12.65 3.04 -7.04
C LEU A 111 -12.99 4.50 -7.41
N MET A 112 -13.16 4.77 -8.71
CA MET A 112 -13.51 6.11 -9.20
C MET A 112 -14.93 6.53 -8.73
N LEU A 113 -15.91 5.63 -8.83
CA LEU A 113 -17.29 5.86 -8.39
C LEU A 113 -17.34 6.17 -6.90
N ARG A 114 -16.57 5.42 -6.08
CA ARG A 114 -16.48 5.63 -4.62
C ARG A 114 -15.80 6.99 -4.33
N LYS A 115 -14.78 7.35 -5.13
CA LYS A 115 -14.07 8.62 -5.03
C LYS A 115 -15.06 9.78 -5.27
N LYS A 116 -16.01 9.59 -6.21
CA LYS A 116 -17.05 10.58 -6.56
C LYS A 116 -18.28 10.58 -5.61
N GLY A 117 -18.21 9.80 -4.52
CA GLY A 117 -19.25 9.76 -3.52
C GLY A 117 -20.25 8.63 -3.56
N PHE A 118 -20.08 7.64 -4.47
CA PHE A 118 -20.97 6.48 -4.55
C PHE A 118 -20.70 5.54 -3.39
N THR A 119 -21.73 4.82 -2.93
CA THR A 119 -21.59 3.76 -1.94
C THR A 119 -21.33 2.55 -2.83
N THR A 120 -20.31 1.74 -2.54
CA THR A 120 -20.06 0.60 -3.41
C THR A 120 -20.14 -0.68 -2.64
N ALA A 121 -20.56 -1.75 -3.31
CA ALA A 121 -20.68 -3.04 -2.65
C ALA A 121 -20.37 -4.18 -3.58
N ILE A 122 -19.90 -5.29 -3.03
CA ILE A 122 -19.72 -6.51 -3.77
C ILE A 122 -20.86 -7.43 -3.27
N LEU A 123 -21.63 -7.99 -4.20
CA LEU A 123 -22.67 -8.97 -3.88
C LEU A 123 -22.31 -10.24 -4.64
N THR A 124 -22.05 -11.31 -3.89
CA THR A 124 -21.57 -12.53 -4.52
C THR A 124 -22.16 -13.83 -3.99
N ASN A 125 -22.44 -14.77 -4.92
CA ASN A 125 -22.79 -16.14 -4.57
C ASN A 125 -21.45 -16.85 -4.38
N THR A 126 -21.10 -17.13 -3.12
CA THR A 126 -19.82 -17.77 -2.80
C THR A 126 -19.97 -18.89 -1.79
N TRP A 127 -18.85 -19.54 -1.46
CA TRP A 127 -18.84 -20.70 -0.59
C TRP A 127 -17.89 -20.52 0.61
N LEU A 128 -18.04 -21.40 1.62
CA LEU A 128 -17.15 -21.50 2.76
C LEU A 128 -16.01 -22.41 2.31
N ASP A 129 -14.84 -21.81 2.04
CA ASP A 129 -13.66 -22.47 1.51
C ASP A 129 -12.72 -22.99 2.61
N ASP A 130 -12.71 -24.33 2.78
CA ASP A 130 -11.87 -25.09 3.74
C ASP A 130 -10.84 -25.99 3.04
N ARG A 131 -10.58 -25.72 1.74
CA ARG A 131 -9.59 -26.51 1.00
C ARG A 131 -8.23 -26.18 1.57
N ALA A 132 -7.25 -27.09 1.41
CA ALA A 132 -5.89 -26.83 1.89
C ALA A 132 -5.31 -25.56 1.24
N GLU A 133 -5.72 -25.25 -0.02
CA GLU A 133 -5.26 -24.09 -0.79
C GLU A 133 -6.13 -22.81 -0.66
N ARG A 134 -7.06 -22.79 0.32
CA ARG A 134 -7.98 -21.66 0.59
C ARG A 134 -7.35 -20.26 0.74
N ASP A 135 -6.07 -20.17 1.18
CA ASP A 135 -5.40 -18.89 1.39
C ASP A 135 -5.36 -17.99 0.13
N GLY A 136 -5.17 -18.58 -1.05
CA GLY A 136 -5.14 -17.84 -2.31
C GLY A 136 -6.39 -17.02 -2.49
N LEU A 137 -7.57 -17.65 -2.29
CA LEU A 137 -8.87 -16.98 -2.37
C LEU A 137 -9.00 -15.94 -1.22
N ALA A 138 -8.55 -16.30 -0.01
CA ALA A 138 -8.61 -15.38 1.15
C ALA A 138 -7.84 -14.09 0.82
N GLN A 139 -6.62 -14.24 0.25
CA GLN A 139 -5.77 -13.12 -0.16
C GLN A 139 -6.48 -12.22 -1.19
N LEU A 140 -7.14 -12.85 -2.19
CA LEU A 140 -7.87 -12.12 -3.24
C LEU A 140 -9.04 -11.32 -2.66
N MET A 141 -9.85 -11.97 -1.78
CA MET A 141 -11.01 -11.32 -1.15
C MET A 141 -10.56 -10.16 -0.30
N CYS A 142 -9.40 -10.28 0.37
CA CYS A 142 -8.83 -9.19 1.17
C CYS A 142 -8.42 -8.03 0.33
N GLU A 143 -7.72 -8.31 -0.79
CA GLU A 143 -7.29 -7.23 -1.66
C GLU A 143 -8.50 -6.47 -2.19
N LEU A 144 -9.53 -7.19 -2.68
CA LEU A 144 -10.73 -6.58 -3.23
C LEU A 144 -11.58 -5.81 -2.23
N LYS A 145 -11.98 -6.46 -1.11
CA LYS A 145 -12.93 -5.93 -0.13
C LYS A 145 -12.60 -4.59 0.48
N MET A 146 -11.30 -4.29 0.69
CA MET A 146 -10.82 -3.04 1.30
C MET A 146 -11.28 -1.80 0.54
N HIS A 147 -11.56 -1.96 -0.78
CA HIS A 147 -11.95 -0.88 -1.69
C HIS A 147 -13.45 -0.65 -1.74
N PHE A 148 -14.22 -1.42 -0.98
CA PHE A 148 -15.67 -1.31 -1.03
C PHE A 148 -16.30 -0.99 0.31
N ASP A 149 -17.52 -0.42 0.28
CA ASP A 149 -18.23 -0.12 1.51
C ASP A 149 -18.78 -1.40 2.15
N PHE A 150 -19.27 -2.34 1.32
CA PHE A 150 -19.87 -3.59 1.78
C PHE A 150 -19.49 -4.77 0.90
N LEU A 151 -19.35 -5.94 1.54
CA LEU A 151 -19.13 -7.21 0.91
C LEU A 151 -20.25 -8.09 1.42
N ILE A 152 -21.11 -8.54 0.52
CA ILE A 152 -22.24 -9.39 0.90
C ILE A 152 -22.00 -10.71 0.23
N GLU A 153 -21.79 -11.75 1.04
CA GLU A 153 -21.52 -13.11 0.58
C GLU A 153 -22.68 -13.99 0.91
N SER A 154 -23.23 -14.67 -0.12
CA SER A 154 -24.34 -15.59 0.01
C SER A 154 -24.20 -16.59 1.16
N CYS A 155 -22.99 -17.20 1.33
CA CYS A 155 -22.76 -18.25 2.33
C CYS A 155 -22.74 -17.71 3.75
N GLN A 156 -22.63 -16.39 3.91
CA GLN A 156 -22.63 -15.75 5.22
C GLN A 156 -24.01 -15.25 5.60
N VAL A 157 -24.79 -14.83 4.58
CA VAL A 157 -26.16 -14.33 4.74
C VAL A 157 -27.26 -15.41 4.62
N GLY A 158 -26.89 -16.61 4.14
CA GLY A 158 -27.77 -17.76 3.96
C GLY A 158 -28.83 -17.57 2.90
N MET A 159 -28.54 -16.71 1.92
CA MET A 159 -29.46 -16.38 0.83
C MET A 159 -28.65 -16.38 -0.43
N VAL A 160 -29.27 -16.61 -1.57
CA VAL A 160 -28.55 -16.71 -2.83
C VAL A 160 -29.21 -15.90 -3.96
N LYS A 161 -28.43 -15.37 -4.89
CA LYS A 161 -29.02 -14.77 -6.09
C LYS A 161 -29.49 -15.99 -6.90
N PRO A 162 -30.66 -16.00 -7.58
CA PRO A 162 -31.59 -14.90 -7.83
C PRO A 162 -32.76 -14.76 -6.87
N GLU A 163 -32.65 -15.27 -5.61
CA GLU A 163 -33.76 -15.17 -4.64
C GLU A 163 -34.05 -13.71 -4.33
N PRO A 164 -35.33 -13.26 -4.38
CA PRO A 164 -35.61 -11.84 -4.14
C PRO A 164 -35.15 -11.31 -2.78
N GLN A 165 -35.12 -12.16 -1.73
CA GLN A 165 -34.68 -11.76 -0.37
C GLN A 165 -33.27 -11.15 -0.33
N ILE A 166 -32.33 -11.71 -1.12
CA ILE A 166 -30.97 -11.19 -1.15
C ILE A 166 -30.94 -9.74 -1.71
N TYR A 167 -31.83 -9.40 -2.67
CA TYR A 167 -31.92 -8.06 -3.25
C TYR A 167 -32.51 -7.06 -2.26
N LYS A 168 -33.55 -7.49 -1.49
CA LYS A 168 -34.12 -6.67 -0.42
C LYS A 168 -33.07 -6.46 0.67
N PHE A 169 -32.24 -7.52 0.95
CA PHE A 169 -31.15 -7.42 1.94
C PHE A 169 -30.07 -6.42 1.49
N LEU A 170 -29.75 -6.46 0.18
CA LEU A 170 -28.75 -5.54 -0.40
C LEU A 170 -29.25 -4.09 -0.25
N LEU A 171 -30.52 -3.85 -0.60
CA LEU A 171 -31.14 -2.52 -0.51
C LEU A 171 -31.17 -1.98 0.89
N ASP A 172 -31.45 -2.87 1.87
CA ASP A 172 -31.43 -2.53 3.28
C ASP A 172 -30.00 -2.20 3.73
N THR A 173 -29.00 -2.99 3.25
CA THR A 173 -27.58 -2.76 3.56
C THR A 173 -27.11 -1.42 2.95
N LEU A 174 -27.52 -1.13 1.70
CA LEU A 174 -27.14 0.09 1.00
C LEU A 174 -27.85 1.33 1.56
N LYS A 175 -29.04 1.14 2.20
CA LYS A 175 -29.92 2.22 2.72
C LYS A 175 -30.24 3.10 1.51
N ALA A 176 -30.65 2.44 0.41
CA ALA A 176 -30.96 3.08 -0.86
C ALA A 176 -32.19 2.46 -1.49
N SER A 177 -32.91 3.23 -2.31
CA SER A 177 -34.07 2.74 -3.04
C SER A 177 -33.57 2.16 -4.36
N PRO A 178 -34.24 1.14 -4.94
CA PRO A 178 -33.73 0.51 -6.17
C PRO A 178 -33.29 1.41 -7.32
N SER A 179 -34.03 2.51 -7.63
CA SER A 179 -33.71 3.44 -8.73
C SER A 179 -32.36 4.16 -8.56
N GLU A 180 -31.83 4.18 -7.32
CA GLU A 180 -30.54 4.79 -6.94
C GLU A 180 -29.36 3.80 -7.12
N VAL A 181 -29.64 2.56 -7.56
CA VAL A 181 -28.60 1.54 -7.63
C VAL A 181 -28.31 1.02 -9.03
N VAL A 182 -26.99 0.94 -9.37
CA VAL A 182 -26.44 0.28 -10.57
C VAL A 182 -25.96 -1.04 -10.05
N PHE A 183 -26.34 -2.10 -10.72
CA PHE A 183 -26.01 -3.46 -10.36
C PHE A 183 -25.40 -4.14 -11.59
N LEU A 184 -24.14 -4.60 -11.45
CA LEU A 184 -23.40 -5.22 -12.55
C LEU A 184 -23.23 -6.69 -12.28
N ASP A 185 -23.65 -7.53 -13.23
CA ASP A 185 -23.57 -8.99 -13.11
C ASP A 185 -23.30 -9.62 -14.46
N ASP A 186 -22.58 -10.77 -14.50
CA ASP A 186 -22.33 -11.49 -15.76
C ASP A 186 -23.43 -12.53 -16.06
N ILE A 187 -24.32 -12.80 -15.06
CA ILE A 187 -25.41 -13.78 -15.18
C ILE A 187 -26.74 -13.05 -15.31
N GLY A 188 -27.34 -13.13 -16.49
CA GLY A 188 -28.63 -12.48 -16.79
C GLY A 188 -29.76 -12.82 -15.83
N ALA A 189 -29.83 -14.06 -15.36
CA ALA A 189 -30.84 -14.55 -14.42
C ALA A 189 -30.72 -13.84 -13.05
N ASN A 190 -29.46 -13.54 -12.63
CA ASN A 190 -29.16 -12.89 -11.36
C ASN A 190 -29.38 -11.38 -11.42
N LEU A 191 -29.48 -10.86 -12.65
CA LEU A 191 -29.71 -9.46 -12.94
C LEU A 191 -31.23 -9.17 -12.94
N LYS A 192 -32.03 -10.15 -13.41
CA LYS A 192 -33.50 -10.05 -13.51
C LYS A 192 -34.21 -9.52 -12.23
N PRO A 193 -33.98 -10.05 -11.00
CA PRO A 193 -34.69 -9.49 -9.84
C PRO A 193 -34.31 -8.05 -9.50
N ALA A 194 -33.08 -7.63 -9.82
CA ALA A 194 -32.64 -6.27 -9.57
C ALA A 194 -33.38 -5.35 -10.54
N ARG A 195 -33.50 -5.77 -11.80
CA ARG A 195 -34.23 -5.04 -12.84
C ARG A 195 -35.72 -4.94 -12.45
N ASP A 196 -36.34 -6.08 -12.08
CA ASP A 196 -37.76 -6.18 -11.66
C ASP A 196 -38.05 -5.24 -10.48
N LEU A 197 -37.05 -4.97 -9.63
CA LEU A 197 -37.16 -4.02 -8.50
C LEU A 197 -37.00 -2.55 -8.95
N GLY A 198 -36.45 -2.34 -10.16
CA GLY A 198 -36.25 -1.00 -10.72
C GLY A 198 -34.82 -0.49 -10.69
N MET A 199 -33.85 -1.39 -10.41
CA MET A 199 -32.43 -0.99 -10.38
C MET A 199 -31.91 -0.88 -11.81
N VAL A 200 -30.86 -0.04 -12.00
CA VAL A 200 -30.19 0.02 -13.30
C VAL A 200 -29.29 -1.23 -13.32
N THR A 201 -29.39 -1.99 -14.38
CA THR A 201 -28.65 -3.22 -14.50
C THR A 201 -27.75 -3.24 -15.72
N ILE A 202 -26.58 -3.87 -15.56
CA ILE A 202 -25.61 -4.01 -16.62
C ILE A 202 -25.23 -5.46 -16.69
N LEU A 203 -25.45 -6.08 -17.86
CA LEU A 203 -25.07 -7.44 -18.14
C LEU A 203 -23.65 -7.30 -18.61
N VAL A 204 -22.72 -7.94 -17.88
CA VAL A 204 -21.29 -7.85 -18.15
C VAL A 204 -20.81 -9.03 -18.96
N GLN A 205 -20.36 -8.78 -20.19
CA GLN A 205 -19.74 -9.80 -21.02
C GLN A 205 -18.29 -9.36 -21.04
N ASP A 206 -17.94 -8.47 -21.97
CA ASP A 206 -16.58 -7.90 -21.99
C ASP A 206 -16.61 -6.67 -21.09
N THR A 207 -15.51 -6.44 -20.37
CA THR A 207 -15.36 -5.31 -19.45
C THR A 207 -15.56 -3.94 -20.11
N ASP A 208 -14.92 -3.70 -21.27
CA ASP A 208 -15.02 -2.40 -21.95
C ASP A 208 -16.46 -1.95 -22.22
N THR A 209 -17.32 -2.85 -22.73
CA THR A 209 -18.73 -2.51 -23.02
C THR A 209 -19.49 -2.21 -21.73
N ALA A 210 -19.29 -3.07 -20.71
CA ALA A 210 -19.90 -2.89 -19.38
C ALA A 210 -19.54 -1.53 -18.80
N LEU A 211 -18.26 -1.12 -18.92
CA LEU A 211 -17.82 0.19 -18.43
C LEU A 211 -18.35 1.36 -19.26
N LYS A 212 -18.60 1.13 -20.58
CA LYS A 212 -19.18 2.18 -21.43
C LYS A 212 -20.61 2.43 -20.96
N GLU A 213 -21.37 1.33 -20.66
CA GLU A 213 -22.75 1.42 -20.17
C GLU A 213 -22.75 2.09 -18.80
N LEU A 214 -21.77 1.72 -17.95
CA LEU A 214 -21.63 2.28 -16.60
C LEU A 214 -21.33 3.78 -16.61
N GLU A 215 -20.48 4.24 -17.53
CA GLU A 215 -20.09 5.63 -17.73
C GLU A 215 -21.30 6.44 -18.20
N LYS A 216 -22.03 5.91 -19.19
CA LYS A 216 -23.23 6.53 -19.77
C LYS A 216 -24.30 6.72 -18.71
N VAL A 217 -24.58 5.67 -17.92
CA VAL A 217 -25.60 5.75 -16.89
C VAL A 217 -25.25 6.61 -15.65
N THR A 218 -23.95 6.63 -15.23
CA THR A 218 -23.52 7.43 -14.07
C THR A 218 -23.12 8.86 -14.40
N GLY A 219 -22.76 9.12 -15.66
CA GLY A 219 -22.29 10.42 -16.10
C GLY A 219 -20.87 10.70 -15.62
N ILE A 220 -20.14 9.63 -15.21
CA ILE A 220 -18.76 9.70 -14.70
C ILE A 220 -17.79 9.01 -15.64
N GLN A 221 -16.69 9.70 -15.98
CA GLN A 221 -15.63 9.17 -16.83
C GLN A 221 -14.95 8.00 -16.09
N LEU A 222 -15.06 6.79 -16.65
CA LEU A 222 -14.50 5.59 -16.04
C LEU A 222 -13.55 4.90 -17.01
N LEU A 223 -13.74 5.15 -18.30
CA LEU A 223 -12.91 4.57 -19.35
C LEU A 223 -11.91 5.61 -19.85
N ASN A 224 -10.69 5.17 -20.23
CA ASN A 224 -9.63 6.05 -20.77
C ASN A 224 -9.14 7.09 -19.76
N THR A 225 -9.41 6.86 -18.48
CA THR A 225 -9.07 7.79 -17.41
C THR A 225 -7.53 7.84 -17.12
N PRO A 226 -6.97 8.93 -16.55
CA PRO A 226 -5.52 8.90 -16.23
C PRO A 226 -5.16 7.81 -15.22
N ALA A 227 -3.89 7.38 -15.24
CA ALA A 227 -3.38 6.36 -14.33
C ALA A 227 -3.63 6.81 -12.87
N PRO A 228 -4.37 6.03 -12.03
CA PRO A 228 -4.64 6.49 -10.66
C PRO A 228 -3.43 6.37 -9.74
N LEU A 229 -3.48 7.05 -8.57
CA LEU A 229 -2.39 6.98 -7.60
C LEU A 229 -2.49 5.61 -6.88
N PRO A 230 -1.40 5.06 -6.29
CA PRO A 230 -1.52 3.81 -5.53
C PRO A 230 -2.46 4.06 -4.33
N THR A 231 -2.97 2.99 -3.72
CA THR A 231 -3.85 3.07 -2.54
C THR A 231 -3.09 3.76 -1.41
N SER A 232 -3.77 4.64 -0.69
CA SER A 232 -3.17 5.38 0.42
C SER A 232 -3.61 4.74 1.76
N CYS A 233 -3.31 5.40 2.88
CA CYS A 233 -3.68 4.92 4.22
C CYS A 233 -4.61 5.87 4.89
N ASN A 234 -5.62 5.31 5.57
CA ASN A 234 -6.50 6.08 6.42
C ASN A 234 -5.97 5.82 7.86
N PRO A 235 -5.37 6.84 8.54
CA PRO A 235 -4.72 6.58 9.85
C PRO A 235 -5.54 5.81 10.88
N SER A 236 -6.84 6.07 10.95
CA SER A 236 -7.75 5.42 11.90
C SER A 236 -8.05 3.94 11.57
N ASP A 237 -7.73 3.49 10.35
CA ASP A 237 -7.93 2.11 9.90
C ASP A 237 -6.67 1.25 10.03
N MET A 238 -5.57 1.81 10.52
CA MET A 238 -4.33 1.05 10.59
C MET A 238 -4.15 0.40 11.96
N SER A 239 -3.30 -0.65 12.01
CA SER A 239 -2.89 -1.23 13.29
C SER A 239 -1.76 -0.32 13.78
N HIS A 240 -1.88 0.22 14.99
CA HIS A 240 -0.86 1.09 15.59
C HIS A 240 -0.14 0.34 16.68
N GLY A 241 1.20 0.24 16.54
CA GLY A 241 2.08 -0.44 17.48
C GLY A 241 2.93 0.51 18.30
N TYR A 242 3.26 0.12 19.55
CA TYR A 242 4.04 0.94 20.50
C TYR A 242 5.00 0.08 21.29
N VAL A 243 6.29 0.44 21.24
CA VAL A 243 7.38 -0.28 21.94
C VAL A 243 8.19 0.68 22.77
N THR A 244 8.38 0.35 24.05
CA THR A 244 9.25 1.15 24.93
C THR A 244 10.66 0.61 24.72
N VAL A 245 11.55 1.43 24.21
CA VAL A 245 12.93 1.01 23.96
C VAL A 245 13.85 1.32 25.13
N LYS A 246 13.46 2.29 25.95
CA LYS A 246 14.15 2.68 27.16
C LYS A 246 13.19 3.50 28.07
N PRO A 247 13.48 3.69 29.40
CA PRO A 247 12.53 4.38 30.28
C PRO A 247 11.71 5.56 29.75
N ARG A 248 12.35 6.55 29.13
CA ARG A 248 11.59 7.73 28.67
C ARG A 248 11.31 7.74 27.16
N VAL A 249 11.59 6.61 26.47
CA VAL A 249 11.46 6.56 25.01
C VAL A 249 10.63 5.40 24.55
N ARG A 250 9.53 5.71 23.89
CA ARG A 250 8.66 4.76 23.25
C ARG A 250 8.64 5.08 21.74
N LEU A 251 8.60 4.05 20.89
CA LEU A 251 8.51 4.22 19.44
C LEU A 251 7.15 3.73 18.95
N HIS A 252 6.49 4.53 18.12
CA HIS A 252 5.21 4.20 17.52
C HIS A 252 5.43 3.79 16.07
N PHE A 253 4.62 2.85 15.61
CA PHE A 253 4.64 2.41 14.22
C PHE A 253 3.27 1.95 13.77
N VAL A 254 3.09 1.97 12.47
CA VAL A 254 1.90 1.46 11.82
C VAL A 254 2.37 0.14 11.18
N GLU A 255 1.53 -0.88 11.25
CA GLU A 255 1.87 -2.22 10.78
C GLU A 255 0.81 -2.81 9.86
N LEU A 256 1.27 -3.34 8.72
CA LEU A 256 0.37 -3.95 7.73
C LEU A 256 1.07 -5.06 6.95
N GLY A 257 0.35 -6.17 6.77
CA GLY A 257 0.82 -7.28 5.95
C GLY A 257 1.55 -8.38 6.68
N SER A 258 1.88 -9.43 5.92
CA SER A 258 2.62 -10.59 6.42
C SER A 258 3.78 -10.87 5.50
N GLY A 259 4.82 -11.52 6.04
CA GLY A 259 6.03 -11.87 5.29
C GLY A 259 7.27 -11.25 5.90
N PRO A 260 8.38 -11.13 5.15
CA PRO A 260 9.59 -10.53 5.74
C PRO A 260 9.34 -9.11 6.24
N ALA A 261 9.88 -8.77 7.43
CA ALA A 261 9.71 -7.44 8.03
C ALA A 261 10.44 -6.37 7.24
N VAL A 262 9.71 -5.31 6.89
CA VAL A 262 10.20 -4.15 6.15
C VAL A 262 9.97 -2.92 7.00
N CYS A 263 11.07 -2.38 7.52
CA CYS A 263 11.04 -1.21 8.40
C CYS A 263 11.28 0.11 7.63
N LEU A 264 10.22 0.93 7.50
CA LEU A 264 10.26 2.20 6.77
C LEU A 264 10.63 3.36 7.70
N CYS A 265 11.66 4.12 7.32
CA CYS A 265 12.22 5.19 8.16
C CYS A 265 12.16 6.54 7.44
N HIS A 266 11.22 7.39 7.85
CA HIS A 266 10.97 8.70 7.24
C HIS A 266 12.08 9.72 7.50
N GLY A 267 11.94 10.87 6.86
CA GLY A 267 12.93 11.93 6.99
C GLY A 267 12.43 13.12 7.75
N PHE A 268 13.07 14.25 7.52
CA PHE A 268 12.75 15.49 8.18
C PHE A 268 11.92 16.44 7.30
N PRO A 269 10.86 17.10 7.84
CA PRO A 269 10.20 16.94 9.14
C PRO A 269 8.94 16.14 8.84
N GLU A 270 9.06 14.81 8.90
CA GLU A 270 7.97 13.98 8.40
C GLU A 270 7.19 13.12 9.40
N SER A 271 6.71 11.94 8.97
CA SER A 271 5.83 11.06 9.75
C SER A 271 5.84 9.68 9.12
N TRP A 272 5.29 8.65 9.82
CA TRP A 272 5.03 7.34 9.24
C TRP A 272 4.17 7.53 7.99
N TYR A 273 3.29 8.56 8.02
CA TYR A 273 2.30 8.88 6.98
C TYR A 273 2.93 9.28 5.66
N SER A 274 4.21 9.67 5.69
CA SER A 274 4.94 9.95 4.46
C SER A 274 5.08 8.72 3.59
N TRP A 275 4.89 7.51 4.17
CA TRP A 275 4.94 6.25 3.43
C TRP A 275 3.54 5.76 3.05
N ARG A 276 2.48 6.60 3.21
CA ARG A 276 1.10 6.17 2.95
C ARG A 276 0.84 5.43 1.63
N TYR A 277 1.50 5.85 0.52
CA TYR A 277 1.33 5.17 -0.78
C TYR A 277 2.14 3.89 -0.89
N GLN A 278 3.16 3.70 -0.03
CA GLN A 278 4.01 2.50 -0.07
C GLN A 278 3.47 1.39 0.81
N ILE A 279 2.87 1.74 1.98
CA ILE A 279 2.38 0.75 2.96
C ILE A 279 1.45 -0.30 2.34
N PRO A 280 0.30 0.06 1.73
CA PRO A 280 -0.56 -0.97 1.12
C PRO A 280 0.12 -1.78 0.03
N ALA A 281 0.87 -1.10 -0.88
CA ALA A 281 1.56 -1.76 -2.00
C ALA A 281 2.59 -2.79 -1.52
N LEU A 282 3.43 -2.43 -0.52
CA LEU A 282 4.45 -3.36 -0.02
C LEU A 282 3.80 -4.55 0.69
N ALA A 283 2.73 -4.29 1.48
CA ALA A 283 1.97 -5.37 2.15
C ALA A 283 1.38 -6.30 1.11
N GLN A 284 0.76 -5.73 0.04
CA GLN A 284 0.19 -6.53 -1.06
C GLN A 284 1.26 -7.38 -1.78
N ALA A 285 2.50 -6.86 -1.85
CA ALA A 285 3.64 -7.55 -2.49
C ALA A 285 4.19 -8.72 -1.69
N GLY A 286 3.68 -8.91 -0.48
CA GLY A 286 4.01 -10.04 0.39
C GLY A 286 5.02 -9.73 1.49
N TYR A 287 4.92 -8.51 2.05
CA TYR A 287 5.82 -8.05 3.12
C TYR A 287 5.06 -7.56 4.33
N ARG A 288 5.71 -7.67 5.48
CA ARG A 288 5.16 -7.16 6.75
C ARG A 288 5.79 -5.78 6.95
N VAL A 289 5.01 -4.74 6.68
CA VAL A 289 5.48 -3.36 6.73
C VAL A 289 5.39 -2.79 8.13
N LEU A 290 6.48 -2.21 8.63
CA LEU A 290 6.50 -1.51 9.92
C LEU A 290 6.89 -0.06 9.62
N ALA A 291 5.87 0.84 9.54
CA ALA A 291 6.16 2.25 9.19
C ALA A 291 6.34 3.08 10.48
N MET A 292 7.57 3.51 10.74
CA MET A 292 7.88 4.22 11.98
C MET A 292 7.46 5.66 12.02
N ASP A 293 7.26 6.14 13.25
CA ASP A 293 7.31 7.51 13.64
C ASP A 293 8.73 7.50 14.25
N MET A 294 9.68 8.17 13.58
CA MET A 294 11.06 8.20 14.10
C MET A 294 11.11 8.98 15.44
N LYS A 295 12.16 8.78 16.23
CA LYS A 295 12.29 9.46 17.53
C LYS A 295 12.19 10.98 17.31
N GLY A 296 11.36 11.62 18.12
CA GLY A 296 11.11 13.05 18.02
C GLY A 296 9.82 13.40 17.29
N TYR A 297 9.16 12.40 16.67
CA TYR A 297 7.99 12.60 15.83
C TYR A 297 6.71 11.88 16.22
N GLY A 298 5.59 12.50 15.82
CA GLY A 298 4.25 11.94 15.96
C GLY A 298 3.97 11.37 17.33
N GLU A 299 3.62 10.08 17.39
CA GLU A 299 3.31 9.38 18.64
C GLU A 299 4.55 8.77 19.30
N SER A 300 5.74 8.92 18.68
CA SER A 300 6.96 8.44 19.33
C SER A 300 7.37 9.51 20.31
N SER A 301 8.16 9.12 21.31
CA SER A 301 8.66 10.06 22.32
C SER A 301 9.60 11.09 21.69
N ALA A 302 9.64 12.29 22.28
CA ALA A 302 10.49 13.39 21.82
C ALA A 302 11.23 14.01 23.01
N PRO A 303 12.27 13.33 23.58
CA PRO A 303 13.02 13.95 24.68
C PRO A 303 13.73 15.22 24.19
N PRO A 304 13.98 16.22 25.06
CA PRO A 304 14.55 17.49 24.57
C PRO A 304 16.04 17.53 24.26
N GLU A 305 16.84 16.67 24.91
CA GLU A 305 18.30 16.66 24.83
C GLU A 305 18.82 16.37 23.44
N ILE A 306 19.77 17.20 22.98
CA ILE A 306 20.40 17.09 21.67
C ILE A 306 20.97 15.68 21.39
N GLU A 307 21.79 15.15 22.33
CA GLU A 307 22.50 13.86 22.25
C GLU A 307 21.60 12.62 22.17
N GLU A 308 20.31 12.76 22.49
CA GLU A 308 19.30 11.71 22.36
C GLU A 308 19.04 11.44 20.86
N TYR A 309 19.52 12.35 19.99
CA TYR A 309 19.30 12.29 18.56
C TYR A 309 20.57 12.06 17.70
N CYS A 310 21.67 11.64 18.34
CA CYS A 310 22.87 11.29 17.61
C CYS A 310 22.63 9.92 16.98
N MET A 311 23.30 9.62 15.86
CA MET A 311 23.08 8.39 15.11
C MET A 311 23.32 7.14 15.92
N GLU A 312 24.35 7.14 16.79
CA GLU A 312 24.67 5.99 17.64
C GLU A 312 23.48 5.61 18.53
N VAL A 313 22.88 6.62 19.20
CA VAL A 313 21.72 6.33 20.06
C VAL A 313 20.46 5.94 19.26
N LEU A 314 20.17 6.64 18.16
CA LEU A 314 19.02 6.34 17.30
C LEU A 314 19.10 4.89 16.77
N CYS A 315 20.30 4.48 16.32
CA CYS A 315 20.55 3.12 15.81
C CYS A 315 20.38 2.07 16.91
N LYS A 316 20.98 2.31 18.09
CA LYS A 316 20.87 1.43 19.27
C LYS A 316 19.40 1.19 19.62
N GLU A 317 18.59 2.26 19.60
CA GLU A 317 17.16 2.18 19.86
C GLU A 317 16.43 1.37 18.81
N MET A 318 16.82 1.49 17.52
CA MET A 318 16.16 0.72 16.46
C MET A 318 16.50 -0.76 16.61
N VAL A 319 17.71 -1.08 17.09
CA VAL A 319 18.13 -2.47 17.38
C VAL A 319 17.26 -2.99 18.57
N THR A 320 17.09 -2.17 19.64
CA THR A 320 16.22 -2.52 20.78
C THR A 320 14.77 -2.74 20.31
N PHE A 321 14.29 -1.88 19.38
CA PHE A 321 12.95 -1.99 18.80
C PHE A 321 12.76 -3.41 18.20
N LEU A 322 13.73 -3.87 17.38
CA LEU A 322 13.72 -5.21 16.80
C LEU A 322 13.72 -6.29 17.92
N ASP A 323 14.61 -6.13 18.92
CA ASP A 323 14.72 -7.07 20.07
C ASP A 323 13.34 -7.27 20.76
N LYS A 324 12.64 -6.16 21.10
CA LYS A 324 11.38 -6.20 21.82
C LYS A 324 10.25 -6.78 20.98
N LEU A 325 10.32 -6.64 19.64
CA LEU A 325 9.31 -7.23 18.76
C LEU A 325 9.59 -8.68 18.42
N GLY A 326 10.78 -9.16 18.81
CA GLY A 326 11.24 -10.52 18.56
C GLY A 326 11.64 -10.73 17.11
N LEU A 327 12.18 -9.68 16.46
CA LEU A 327 12.60 -9.75 15.06
C LEU A 327 14.11 -9.86 14.99
N SER A 328 14.63 -10.94 14.42
CA SER A 328 16.10 -11.06 14.30
C SER A 328 16.67 -10.10 13.27
N GLN A 329 15.87 -9.80 12.22
CA GLN A 329 16.24 -8.86 11.16
C GLN A 329 15.00 -8.12 10.63
N ALA A 330 15.27 -7.08 9.84
CA ALA A 330 14.29 -6.37 9.05
C ALA A 330 15.00 -5.82 7.85
N VAL A 331 14.28 -5.63 6.76
CA VAL A 331 14.87 -4.87 5.68
C VAL A 331 14.62 -3.40 6.06
N PHE A 332 15.66 -2.57 5.97
CA PHE A 332 15.54 -1.17 6.36
C PHE A 332 15.52 -0.28 5.15
N ILE A 333 14.44 0.49 5.01
CA ILE A 333 14.27 1.43 3.90
C ILE A 333 14.08 2.81 4.50
N GLY A 334 14.97 3.72 4.18
CA GLY A 334 14.89 5.08 4.69
C GLY A 334 14.87 6.15 3.61
N HIS A 335 14.32 7.32 3.93
CA HIS A 335 14.28 8.51 3.04
C HIS A 335 14.81 9.67 3.85
N ASP A 336 15.69 10.49 3.24
CA ASP A 336 16.22 11.68 3.91
C ASP A 336 17.00 11.31 5.18
N TRP A 337 16.70 11.89 6.37
CA TRP A 337 17.40 11.51 7.61
C TRP A 337 17.21 10.02 7.92
N GLY A 338 16.08 9.46 7.53
CA GLY A 338 15.80 8.02 7.66
C GLY A 338 16.77 7.20 6.81
N GLY A 339 17.11 7.73 5.62
CA GLY A 339 18.06 7.09 4.69
C GLY A 339 19.46 7.12 5.29
N MET A 340 19.78 8.22 6.00
CA MET A 340 21.07 8.31 6.68
C MET A 340 21.14 7.22 7.77
N LEU A 341 20.09 7.11 8.59
CA LEU A 341 20.05 6.11 9.65
C LEU A 341 20.22 4.67 9.10
N VAL A 342 19.52 4.33 8.02
CA VAL A 342 19.57 2.98 7.45
C VAL A 342 20.99 2.57 6.96
N TRP A 343 21.76 3.55 6.41
CA TRP A 343 23.16 3.28 6.02
C TRP A 343 23.97 2.96 7.28
N TYR A 344 23.73 3.72 8.37
CA TYR A 344 24.39 3.48 9.64
C TYR A 344 24.03 2.12 10.26
N MET A 345 22.74 1.71 10.13
CA MET A 345 22.28 0.38 10.58
C MET A 345 23.03 -0.74 9.80
N ALA A 346 23.16 -0.59 8.49
CA ALA A 346 23.91 -1.53 7.68
C ALA A 346 25.39 -1.60 8.09
N LEU A 347 26.02 -0.47 8.44
CA LEU A 347 27.45 -0.43 8.81
C LEU A 347 27.78 -0.96 10.20
N PHE A 348 26.89 -0.71 11.16
CA PHE A 348 27.08 -1.07 12.56
C PHE A 348 26.36 -2.30 13.03
N TYR A 349 25.24 -2.64 12.38
CA TYR A 349 24.44 -3.80 12.79
C TYR A 349 24.05 -4.66 11.57
N PRO A 350 25.02 -5.10 10.74
CA PRO A 350 24.65 -5.89 9.56
C PRO A 350 23.89 -7.19 9.84
N GLU A 351 24.12 -7.81 11.01
CA GLU A 351 23.41 -9.05 11.36
C GLU A 351 21.90 -8.84 11.56
N ARG A 352 21.49 -7.59 11.80
CA ARG A 352 20.08 -7.24 12.04
C ARG A 352 19.42 -6.65 10.79
N VAL A 353 20.22 -6.40 9.75
CA VAL A 353 19.73 -5.75 8.55
C VAL A 353 19.70 -6.77 7.41
N ARG A 354 18.48 -7.16 7.00
CA ARG A 354 18.29 -8.14 5.95
C ARG A 354 18.78 -7.56 4.60
N ALA A 355 18.46 -6.28 4.35
CA ALA A 355 18.85 -5.55 3.14
C ALA A 355 18.62 -4.09 3.49
N VAL A 356 19.28 -3.20 2.76
CA VAL A 356 19.16 -1.77 3.05
C VAL A 356 18.86 -1.00 1.79
N ALA A 357 17.95 -0.04 1.87
CA ALA A 357 17.64 0.83 0.73
C ALA A 357 17.42 2.25 1.21
N SER A 358 17.95 3.23 0.44
CA SER A 358 17.79 4.65 0.72
C SER A 358 17.22 5.41 -0.46
N LEU A 359 16.21 6.25 -0.17
CA LEU A 359 15.65 7.16 -1.15
C LEU A 359 16.36 8.49 -0.93
N ASN A 360 17.06 8.97 -1.97
CA ASN A 360 17.76 10.28 -2.01
C ASN A 360 19.03 10.39 -1.23
N THR A 361 19.07 9.91 0.03
CA THR A 361 20.22 10.05 0.89
C THR A 361 21.38 9.17 0.48
N PRO A 362 22.50 9.78 0.08
CA PRO A 362 23.66 8.98 -0.30
C PRO A 362 24.43 8.56 0.93
N PHE A 363 25.39 7.65 0.72
CA PHE A 363 26.28 7.29 1.78
C PHE A 363 27.63 7.94 1.47
N ILE A 364 28.07 8.90 2.31
CA ILE A 364 29.36 9.56 2.13
C ILE A 364 30.25 9.29 3.33
N PRO A 365 31.37 8.55 3.18
CA PRO A 365 32.24 8.28 4.34
C PRO A 365 32.77 9.54 4.99
N ALA A 366 32.92 9.50 6.32
CA ALA A 366 33.44 10.63 7.10
C ALA A 366 34.89 10.94 6.69
N ASN A 367 35.26 12.23 6.74
CA ASN A 367 36.62 12.67 6.45
C ASN A 367 37.30 12.75 7.81
N PRO A 368 38.26 11.85 8.12
CA PRO A 368 38.88 11.88 9.46
C PRO A 368 39.78 13.08 9.74
N ASN A 369 39.98 13.94 8.71
CA ASN A 369 40.84 15.12 8.79
C ASN A 369 40.07 16.45 8.87
N MET A 370 38.81 16.48 8.39
CA MET A 370 37.98 17.67 8.36
C MET A 370 36.78 17.57 9.28
N SER A 371 36.48 18.67 10.01
CA SER A 371 35.31 18.78 10.90
C SER A 371 34.06 18.78 10.01
N PRO A 372 32.97 18.07 10.40
CA PRO A 372 31.77 18.03 9.55
C PRO A 372 31.14 19.40 9.23
N LEU A 373 31.25 20.37 10.17
CA LEU A 373 30.76 21.75 10.03
C LEU A 373 31.47 22.52 8.90
N GLU A 374 32.76 22.19 8.65
CA GLU A 374 33.60 22.78 7.60
C GLU A 374 33.05 22.41 6.22
N SER A 375 32.61 21.16 6.06
CA SER A 375 32.04 20.63 4.82
C SER A 375 30.72 21.34 4.48
N ILE A 376 29.85 21.57 5.50
CA ILE A 376 28.55 22.25 5.36
C ILE A 376 28.74 23.72 4.94
N LYS A 377 29.72 24.42 5.54
CA LYS A 377 30.04 25.82 5.24
C LYS A 377 30.57 26.03 3.81
N ALA A 378 31.26 24.99 3.24
CA ALA A 378 31.85 24.99 1.90
C ALA A 378 30.82 24.95 0.75
N ASN A 379 29.61 24.44 1.02
CA ASN A 379 28.54 24.33 0.02
C ASN A 379 27.38 25.29 0.37
N PRO A 380 27.06 26.27 -0.51
CA PRO A 380 25.97 27.21 -0.21
C PRO A 380 24.58 26.59 -0.03
N VAL A 381 24.30 25.45 -0.71
CA VAL A 381 23.00 24.75 -0.60
C VAL A 381 22.69 24.29 0.83
N PHE A 382 23.73 23.94 1.62
CA PHE A 382 23.59 23.47 3.01
C PHE A 382 23.59 24.58 4.07
N ASP A 383 23.33 25.85 3.66
CA ASP A 383 23.28 26.98 4.59
C ASP A 383 22.16 26.82 5.62
N TYR A 384 21.00 26.28 5.20
CA TYR A 384 19.84 26.05 6.08
C TYR A 384 20.27 25.18 7.31
N GLN A 385 21.28 24.29 7.14
CA GLN A 385 21.76 23.44 8.25
C GLN A 385 22.43 24.25 9.35
N LEU A 386 23.08 25.39 8.99
CA LEU A 386 23.70 26.26 9.99
C LEU A 386 22.60 26.99 10.71
N TYR A 387 21.52 27.37 9.97
CA TYR A 387 20.33 28.01 10.52
C TYR A 387 19.66 27.05 11.56
N PHE A 388 19.66 25.74 11.27
CA PHE A 388 19.10 24.70 12.15
C PHE A 388 19.93 24.45 13.42
N GLN A 389 21.16 24.96 13.48
CA GLN A 389 22.06 24.69 14.63
C GLN A 389 21.66 25.26 15.98
N GLU A 390 21.39 26.57 16.05
CA GLU A 390 21.07 27.23 17.31
C GLU A 390 19.72 26.83 17.88
N PRO A 391 19.73 26.13 19.03
CA PRO A 391 18.47 25.68 19.63
C PRO A 391 17.49 26.79 19.87
N GLY A 392 16.29 26.67 19.28
CA GLY A 392 15.20 27.62 19.45
C GLY A 392 14.85 28.44 18.23
N VAL A 393 15.86 28.86 17.46
CA VAL A 393 15.68 29.70 16.28
C VAL A 393 14.76 29.07 15.21
N ALA A 394 15.16 27.92 14.64
CA ALA A 394 14.32 27.26 13.63
C ALA A 394 12.99 26.75 14.25
N GLU A 395 12.99 26.31 15.54
CA GLU A 395 11.76 25.82 16.21
C GLU A 395 10.68 26.89 16.16
N ALA A 396 11.04 28.14 16.56
CA ALA A 396 10.12 29.28 16.58
C ALA A 396 9.52 29.56 15.22
N GLU A 397 10.35 29.55 14.15
CA GLU A 397 9.86 29.77 12.80
C GLU A 397 8.98 28.64 12.28
N LEU A 398 9.42 27.37 12.47
CA LEU A 398 8.65 26.22 11.97
C LEU A 398 7.35 25.96 12.72
N GLU A 399 7.30 26.30 14.02
CA GLU A 399 6.12 26.12 14.88
C GLU A 399 5.11 27.27 14.84
N GLN A 400 5.52 28.45 14.32
CA GLN A 400 4.69 29.67 14.26
C GLN A 400 3.33 29.45 13.59
N ASN A 401 3.34 28.80 12.44
CA ASN A 401 2.13 28.48 11.68
C ASN A 401 2.40 27.14 11.02
N LEU A 402 1.86 26.05 11.60
CA LEU A 402 2.09 24.69 11.12
C LEU A 402 1.65 24.43 9.72
N SER A 403 0.40 24.84 9.36
CA SER A 403 -0.15 24.68 8.02
C SER A 403 0.76 25.37 7.01
N ARG A 404 1.23 26.60 7.33
CA ARG A 404 2.16 27.33 6.44
C ARG A 404 3.46 26.53 6.27
N THR A 405 4.03 26.01 7.39
CA THR A 405 5.27 25.22 7.35
C THR A 405 5.15 24.06 6.34
N PHE A 406 4.14 23.18 6.49
CA PHE A 406 3.99 22.01 5.61
C PHE A 406 3.60 22.33 4.19
N LYS A 407 2.77 23.37 3.99
CA LYS A 407 2.41 23.79 2.63
C LYS A 407 3.60 24.39 1.88
N SER A 408 4.52 25.07 2.62
CA SER A 408 5.73 25.65 2.02
C SER A 408 6.76 24.58 1.71
N LEU A 409 6.91 23.60 2.64
CA LEU A 409 7.86 22.51 2.52
C LEU A 409 7.49 21.49 1.45
N PHE A 410 6.27 20.91 1.55
CA PHE A 410 5.81 19.84 0.69
C PHE A 410 5.37 20.33 -0.68
N ARG A 411 6.34 20.50 -1.59
CA ARG A 411 6.07 20.99 -2.95
C ARG A 411 6.84 20.18 -3.99
N ALA A 412 6.20 19.94 -5.17
CA ALA A 412 6.80 19.23 -6.29
C ALA A 412 7.89 20.13 -6.92
N SER A 413 8.77 19.55 -7.75
CA SER A 413 9.89 20.29 -8.36
C SER A 413 9.51 21.55 -9.17
N ASP A 414 8.31 21.55 -9.78
CA ASP A 414 7.78 22.66 -10.59
C ASP A 414 6.87 23.62 -9.80
N GLU A 415 6.85 23.51 -8.47
CA GLU A 415 5.94 24.31 -7.62
C GLU A 415 6.58 25.36 -6.74
N SER A 416 7.65 26.00 -7.22
CA SER A 416 8.37 27.05 -6.50
C SER A 416 8.69 26.65 -5.05
N VAL A 417 9.54 25.61 -4.89
CA VAL A 417 9.95 25.13 -3.58
C VAL A 417 10.89 26.15 -2.94
N LEU A 418 11.04 26.11 -1.58
CA LEU A 418 11.90 27.04 -0.82
C LEU A 418 13.28 27.19 -1.46
N SER A 419 13.72 28.45 -1.70
CA SER A 419 15.05 28.75 -2.22
C SER A 419 15.92 28.82 -0.96
N MET A 420 16.76 27.80 -0.75
CA MET A 420 17.57 27.71 0.47
C MET A 420 18.95 28.38 0.50
N HIS A 421 19.19 29.36 -0.38
CA HIS A 421 20.46 30.07 -0.36
C HIS A 421 20.32 31.31 0.52
N LYS A 422 21.32 31.52 1.40
CA LYS A 422 21.40 32.65 2.33
C LYS A 422 20.22 32.71 3.31
N VAL A 423 19.83 31.54 3.88
CA VAL A 423 18.74 31.37 4.87
C VAL A 423 19.08 32.16 6.16
N CYS A 424 20.35 32.03 6.63
CA CYS A 424 20.85 32.73 7.80
C CYS A 424 20.82 34.25 7.60
N GLU A 425 21.35 34.72 6.43
CA GLU A 425 21.42 36.12 6.00
C GLU A 425 20.01 36.73 5.93
N ALA A 426 19.05 35.97 5.39
CA ALA A 426 17.64 36.36 5.24
C ALA A 426 16.90 36.37 6.57
N GLY A 427 17.39 35.59 7.54
CA GLY A 427 16.79 35.48 8.86
C GLY A 427 15.71 34.40 8.99
N GLY A 428 15.70 33.45 8.06
CA GLY A 428 14.73 32.37 8.11
C GLY A 428 14.40 31.72 6.79
N LEU A 429 13.75 30.54 6.87
CA LEU A 429 13.33 29.73 5.73
C LEU A 429 12.19 30.36 4.92
N PHE A 430 11.19 30.91 5.62
CA PHE A 430 9.96 31.43 5.02
C PHE A 430 9.85 32.96 4.85
N VAL A 431 10.99 33.68 4.94
CA VAL A 431 11.02 35.14 4.82
C VAL A 431 10.55 35.65 3.45
N ASN A 432 10.75 34.87 2.38
CA ASN A 432 10.35 35.22 1.02
C ASN A 432 9.18 34.34 0.59
N SER A 433 8.50 33.74 1.58
CA SER A 433 7.39 32.84 1.33
C SER A 433 6.05 33.44 1.69
N PRO A 434 4.95 33.09 0.98
CA PRO A 434 3.65 33.67 1.33
C PRO A 434 3.14 33.17 2.67
N GLU A 435 2.27 33.96 3.33
CA GLU A 435 1.66 33.60 4.62
C GLU A 435 0.72 32.44 4.44
N GLU A 436 0.01 32.44 3.30
CA GLU A 436 -0.95 31.42 2.92
C GLU A 436 -0.49 30.77 1.63
N PRO A 437 0.44 29.78 1.70
CA PRO A 437 0.88 29.11 0.45
C PRO A 437 -0.23 28.35 -0.24
N SER A 438 -0.09 28.16 -1.57
CA SER A 438 -1.04 27.37 -2.32
C SER A 438 -0.79 25.90 -1.95
N LEU A 439 -1.79 25.05 -2.21
CA LEU A 439 -1.70 23.63 -1.92
C LEU A 439 -1.01 22.94 -3.09
N SER A 440 0.08 22.20 -2.80
CA SER A 440 0.81 21.40 -3.78
C SER A 440 -0.12 20.34 -4.36
N ARG A 441 0.10 19.92 -5.64
CA ARG A 441 -0.64 18.83 -6.29
C ARG A 441 -0.38 17.47 -5.60
N MET A 442 0.70 17.40 -4.81
CA MET A 442 1.11 16.16 -4.13
C MET A 442 0.26 15.84 -2.93
N VAL A 443 -0.37 16.88 -2.32
CA VAL A 443 -1.12 16.75 -1.07
C VAL A 443 -2.52 17.37 -1.09
N THR A 444 -3.42 16.81 -0.28
CA THR A 444 -4.76 17.37 -0.08
C THR A 444 -4.67 18.26 1.17
N GLU A 445 -5.68 19.10 1.43
CA GLU A 445 -5.75 19.94 2.62
C GLU A 445 -5.77 19.04 3.87
N GLU A 446 -6.51 17.92 3.81
CA GLU A 446 -6.69 16.93 4.88
C GLU A 446 -5.35 16.28 5.25
N GLU A 447 -4.54 15.95 4.25
CA GLU A 447 -3.21 15.38 4.47
C GLU A 447 -2.29 16.38 5.14
N ILE A 448 -2.37 17.70 4.77
CA ILE A 448 -1.61 18.73 5.47
C ILE A 448 -2.08 18.79 6.93
N GLN A 449 -3.41 18.77 7.18
CA GLN A 449 -3.92 18.84 8.55
C GLN A 449 -3.53 17.63 9.41
N PHE A 450 -3.28 16.48 8.78
CA PHE A 450 -2.73 15.31 9.50
C PHE A 450 -1.32 15.68 10.05
N TYR A 451 -0.40 16.17 9.19
CA TYR A 451 0.95 16.62 9.61
C TYR A 451 0.87 17.72 10.69
N VAL A 452 -0.03 18.71 10.51
CA VAL A 452 -0.26 19.78 11.48
C VAL A 452 -0.64 19.15 12.84
N GLN A 453 -1.63 18.23 12.84
CA GLN A 453 -2.05 17.59 14.10
C GLN A 453 -0.94 16.80 14.76
N GLN A 454 -0.16 16.04 13.97
CA GLN A 454 0.96 15.28 14.52
C GLN A 454 2.01 16.17 15.19
N PHE A 455 2.37 17.29 14.52
CA PHE A 455 3.38 18.20 15.02
C PHE A 455 2.95 19.08 16.22
N LYS A 456 1.66 19.11 16.52
CA LYS A 456 1.14 19.85 17.67
C LYS A 456 1.61 19.22 18.98
N LYS A 457 1.83 17.90 18.99
CA LYS A 457 2.30 17.21 20.18
C LYS A 457 3.71 17.61 20.65
N SER A 458 4.71 17.51 19.77
CA SER A 458 6.09 17.74 20.20
C SER A 458 6.82 18.89 19.52
N GLY A 459 6.25 19.41 18.45
CA GLY A 459 6.88 20.49 17.71
C GLY A 459 8.12 20.05 16.95
N PHE A 460 9.06 20.97 16.81
CA PHE A 460 10.26 20.79 16.01
C PHE A 460 11.56 20.57 16.74
N ARG A 461 11.57 20.57 18.10
CA ARG A 461 12.81 20.38 18.88
C ARG A 461 13.54 19.04 18.58
N GLY A 462 12.85 17.92 18.79
CA GLY A 462 13.39 16.58 18.51
C GLY A 462 13.78 16.43 17.05
N PRO A 463 12.87 16.72 16.09
CA PRO A 463 13.24 16.67 14.66
C PRO A 463 14.50 17.49 14.31
N LEU A 464 14.60 18.75 14.81
CA LEU A 464 15.79 19.59 14.53
C LEU A 464 17.03 19.05 15.20
N ASN A 465 16.87 18.36 16.32
CA ASN A 465 17.99 17.76 17.03
C ASN A 465 18.73 16.71 16.19
N TRP A 466 18.08 16.12 15.15
CA TRP A 466 18.77 15.18 14.23
C TRP A 466 19.98 15.85 13.53
N TYR A 467 19.91 17.18 13.31
CA TYR A 467 20.95 18.00 12.65
C TYR A 467 22.02 18.52 13.62
N ARG A 468 21.78 18.43 14.93
CA ARG A 468 22.59 18.99 16.01
C ARG A 468 23.65 18.07 16.63
N ASN A 469 23.98 16.98 15.92
CA ASN A 469 24.96 16.01 16.40
C ASN A 469 26.08 15.79 15.40
N MET A 470 26.45 16.82 14.59
CA MET A 470 27.48 16.73 13.55
C MET A 470 28.78 16.14 14.03
N GLU A 471 29.35 16.71 15.11
CA GLU A 471 30.60 16.26 15.73
C GLU A 471 30.50 14.82 16.25
N ARG A 472 29.46 14.52 17.05
CA ARG A 472 29.23 13.19 17.63
C ARG A 472 29.10 12.12 16.53
N ASN A 473 28.30 12.43 15.47
CA ASN A 473 28.08 11.51 14.35
C ASN A 473 29.35 11.28 13.58
N TRP A 474 30.15 12.34 13.37
CA TRP A 474 31.43 12.26 12.66
C TRP A 474 32.39 11.31 13.41
N LYS A 475 32.53 11.49 14.73
CA LYS A 475 33.38 10.63 15.56
C LYS A 475 32.98 9.14 15.49
N TRP A 476 31.67 8.87 15.55
CA TRP A 476 31.14 7.51 15.46
C TRP A 476 31.36 6.95 14.06
N ALA A 477 31.06 7.74 12.99
CA ALA A 477 31.26 7.32 11.60
C ALA A 477 32.72 6.96 11.28
N CYS A 478 33.70 7.65 11.92
CA CYS A 478 35.14 7.38 11.72
C CYS A 478 35.53 5.94 12.12
N LYS A 479 34.81 5.34 13.08
CA LYS A 479 35.04 3.96 13.52
C LYS A 479 34.72 2.95 12.42
N SER A 480 33.90 3.36 11.44
CA SER A 480 33.44 2.53 10.32
C SER A 480 34.27 2.73 9.05
N LEU A 481 35.29 3.62 9.08
CA LEU A 481 36.09 3.96 7.90
C LEU A 481 36.77 2.81 7.15
N GLY A 482 37.12 1.75 7.86
CA GLY A 482 37.74 0.57 7.25
C GLY A 482 36.74 -0.48 6.77
N ARG A 483 35.42 -0.22 6.93
CA ARG A 483 34.41 -1.21 6.55
C ARG A 483 33.88 -1.02 5.14
N LYS A 484 33.22 -2.05 4.64
CA LYS A 484 32.46 -1.94 3.40
C LYS A 484 31.04 -2.45 3.72
N ILE A 485 30.02 -2.01 2.98
CA ILE A 485 28.66 -2.51 3.10
C ILE A 485 28.58 -3.60 2.04
N LEU A 486 28.44 -4.84 2.51
CA LEU A 486 28.44 -6.03 1.66
C LEU A 486 27.12 -6.81 1.69
N ILE A 487 26.15 -6.30 2.44
CA ILE A 487 24.80 -6.86 2.47
C ILE A 487 24.03 -6.24 1.26
N PRO A 488 22.88 -6.82 0.81
CA PRO A 488 22.14 -6.24 -0.33
C PRO A 488 21.76 -4.78 -0.08
N ALA A 489 22.10 -3.90 -1.02
CA ALA A 489 21.92 -2.46 -0.91
C ALA A 489 21.37 -1.81 -2.17
N LEU A 490 20.40 -0.89 -1.98
CA LEU A 490 19.79 -0.14 -3.07
C LEU A 490 19.90 1.35 -2.81
N MET A 491 20.36 2.12 -3.82
CA MET A 491 20.44 3.58 -3.73
C MET A 491 19.48 4.16 -4.79
N VAL A 492 18.44 4.92 -4.36
CA VAL A 492 17.45 5.51 -5.27
C VAL A 492 17.67 7.02 -5.32
N THR A 493 18.04 7.54 -6.51
CA THR A 493 18.29 8.98 -6.67
C THR A 493 17.06 9.66 -7.27
N ALA A 494 16.87 10.93 -6.90
CA ALA A 494 15.76 11.75 -7.36
C ALA A 494 16.38 12.91 -8.14
N GLU A 495 16.14 12.94 -9.45
CA GLU A 495 16.70 13.90 -10.40
C GLU A 495 16.69 15.36 -9.94
N LYS A 496 15.54 15.82 -9.45
CA LYS A 496 15.32 17.21 -9.06
C LYS A 496 15.34 17.49 -7.55
N ASP A 497 15.93 16.57 -6.77
CA ASP A 497 16.11 16.90 -5.36
C ASP A 497 17.35 17.78 -5.37
N PHE A 498 17.18 19.07 -5.02
CA PHE A 498 18.29 20.02 -5.06
C PHE A 498 19.04 20.10 -3.77
N VAL A 499 18.63 19.32 -2.76
CA VAL A 499 19.33 19.26 -1.49
C VAL A 499 20.20 17.99 -1.51
N LEU A 500 19.57 16.85 -1.80
CA LEU A 500 20.20 15.54 -1.90
C LEU A 500 20.29 15.19 -3.36
N VAL A 501 21.24 15.84 -4.04
CA VAL A 501 21.43 15.71 -5.50
C VAL A 501 21.95 14.33 -5.90
N PRO A 502 21.48 13.78 -7.05
CA PRO A 502 21.98 12.46 -7.50
C PRO A 502 23.50 12.30 -7.57
N GLN A 503 24.23 13.36 -7.99
CA GLN A 503 25.70 13.34 -8.10
C GLN A 503 26.44 13.14 -6.76
N MET A 504 25.78 13.46 -5.62
CA MET A 504 26.34 13.28 -4.27
C MET A 504 26.57 11.80 -3.95
N SER A 505 25.86 10.89 -4.64
CA SER A 505 25.93 9.43 -4.48
C SER A 505 26.94 8.74 -5.41
N GLN A 506 27.54 9.50 -6.36
CA GLN A 506 28.43 8.94 -7.40
C GLN A 506 29.58 7.96 -7.01
N HIS A 507 30.16 8.12 -5.81
CA HIS A 507 31.28 7.27 -5.40
C HIS A 507 30.91 6.12 -4.45
N MET A 508 29.61 5.91 -4.23
CA MET A 508 29.12 4.89 -3.30
C MET A 508 29.63 3.47 -3.57
N GLU A 509 29.81 3.11 -4.86
CA GLU A 509 30.34 1.78 -5.25
C GLU A 509 31.74 1.48 -4.68
N ASP A 510 32.55 2.50 -4.32
CA ASP A 510 33.87 2.29 -3.73
C ASP A 510 33.78 1.59 -2.35
N TRP A 511 32.67 1.83 -1.61
CA TRP A 511 32.39 1.30 -0.26
C TRP A 511 31.24 0.26 -0.28
N ILE A 512 30.40 0.26 -1.34
CA ILE A 512 29.28 -0.68 -1.47
C ILE A 512 29.44 -1.31 -2.88
N PRO A 513 30.41 -2.23 -3.05
CA PRO A 513 30.68 -2.76 -4.40
C PRO A 513 29.54 -3.37 -5.18
N HIS A 514 28.59 -4.05 -4.51
CA HIS A 514 27.45 -4.73 -5.14
C HIS A 514 26.19 -3.86 -5.11
N LEU A 515 26.33 -2.56 -4.86
CA LEU A 515 25.21 -1.62 -4.81
C LEU A 515 24.34 -1.68 -6.07
N LYS A 516 23.02 -1.76 -5.87
CA LYS A 516 22.03 -1.70 -6.94
C LYS A 516 21.46 -0.29 -6.88
N ARG A 517 20.96 0.20 -8.01
CA ARG A 517 20.40 1.53 -8.11
C ARG A 517 19.04 1.59 -8.75
N GLY A 518 18.34 2.66 -8.39
CA GLY A 518 17.09 3.12 -8.96
C GLY A 518 17.25 4.60 -9.22
N HIS A 519 16.53 5.14 -10.20
CA HIS A 519 16.60 6.57 -10.50
C HIS A 519 15.24 7.06 -10.94
N ILE A 520 14.77 8.14 -10.33
CA ILE A 520 13.46 8.71 -10.63
C ILE A 520 13.59 10.10 -11.25
N GLU A 521 13.16 10.22 -12.49
CA GLU A 521 13.22 11.50 -13.20
C GLU A 521 12.03 12.37 -12.82
N ASP A 522 12.23 13.71 -12.91
CA ASP A 522 11.22 14.75 -12.64
C ASP A 522 10.62 14.56 -11.23
N CYS A 523 11.50 14.21 -10.29
CA CYS A 523 11.16 13.94 -8.90
C CYS A 523 11.97 14.86 -8.00
N GLY A 524 11.27 15.59 -7.14
CA GLY A 524 11.87 16.49 -6.16
C GLY A 524 12.27 15.71 -4.91
N HIS A 525 12.45 16.43 -3.79
CA HIS A 525 12.88 15.89 -2.49
C HIS A 525 11.89 14.91 -1.84
N TRP A 526 10.59 15.16 -1.99
CA TRP A 526 9.52 14.41 -1.31
C TRP A 526 9.12 13.20 -2.13
N THR A 527 10.12 12.33 -2.38
CA THR A 527 10.04 11.16 -3.26
C THR A 527 8.78 10.33 -3.20
N GLN A 528 8.38 9.90 -1.99
CA GLN A 528 7.24 9.01 -1.81
C GLN A 528 5.94 9.56 -2.32
N MET A 529 5.68 10.86 -2.12
CA MET A 529 4.42 11.47 -2.54
C MET A 529 4.52 12.13 -3.92
N ASP A 530 5.75 12.43 -4.36
CA ASP A 530 6.00 13.04 -5.68
C ASP A 530 5.77 11.99 -6.76
N LYS A 531 6.44 10.84 -6.62
CA LYS A 531 6.34 9.75 -7.58
C LYS A 531 6.05 8.41 -6.86
N PRO A 532 4.87 8.26 -6.22
CA PRO A 532 4.56 7.01 -5.50
C PRO A 532 4.54 5.75 -6.37
N THR A 533 3.92 5.79 -7.57
CA THR A 533 3.88 4.61 -8.46
C THR A 533 5.30 4.12 -8.77
N GLU A 534 6.21 5.05 -9.13
CA GLU A 534 7.58 4.65 -9.46
C GLU A 534 8.40 4.18 -8.29
N VAL A 535 8.21 4.79 -7.10
CA VAL A 535 8.87 4.35 -5.85
C VAL A 535 8.45 2.91 -5.57
N ASN A 536 7.12 2.63 -5.63
CA ASN A 536 6.58 1.30 -5.38
C ASN A 536 7.16 0.26 -6.34
N GLN A 537 7.22 0.62 -7.64
CA GLN A 537 7.79 -0.24 -8.67
C GLN A 537 9.27 -0.62 -8.38
N ILE A 538 10.12 0.38 -8.08
CA ILE A 538 11.54 0.18 -7.78
C ILE A 538 11.72 -0.64 -6.50
N LEU A 539 11.01 -0.27 -5.40
CA LEU A 539 11.12 -1.00 -4.15
C LEU A 539 10.66 -2.46 -4.22
N ILE A 540 9.47 -2.74 -4.85
CA ILE A 540 8.93 -4.10 -4.95
C ILE A 540 9.86 -5.01 -5.76
N LYS A 541 10.39 -4.48 -6.88
CA LYS A 541 11.29 -5.21 -7.76
C LYS A 541 12.57 -5.61 -7.01
N TRP A 542 13.18 -4.66 -6.27
CA TRP A 542 14.39 -4.91 -5.48
C TRP A 542 14.11 -5.86 -4.29
N LEU A 543 12.99 -5.68 -3.58
CA LEU A 543 12.63 -6.58 -2.47
C LEU A 543 12.49 -8.02 -2.95
N ASP A 544 11.79 -8.21 -4.07
CA ASP A 544 11.56 -9.56 -4.58
C ASP A 544 12.83 -10.22 -5.07
N SER A 545 13.75 -9.44 -5.61
CA SER A 545 15.02 -10.00 -6.10
C SER A 545 16.09 -10.20 -5.05
N ASP A 546 16.27 -9.21 -4.14
CA ASP A 546 17.35 -9.14 -3.14
C ASP A 546 17.01 -9.32 -1.65
N ALA A 547 15.73 -9.17 -1.25
CA ALA A 547 15.38 -9.25 0.18
C ALA A 547 14.48 -10.42 0.62
N ARG A 548 13.89 -11.16 -0.34
CA ARG A 548 12.98 -12.33 -0.23
C ARG A 548 11.51 -11.95 -0.25
S SO4 B . 13.12 21.07 0.08
O1 SO4 B . 13.83 20.58 1.26
O2 SO4 B . 14.06 21.22 -1.03
O3 SO4 B . 12.08 20.13 -0.31
O4 SO4 B . 12.51 22.37 0.40
S SO4 C . -3.43 14.26 -3.87
O1 SO4 C . -3.02 14.29 -2.48
O2 SO4 C . -2.32 13.77 -4.71
O3 SO4 C . -4.59 13.34 -3.99
O4 SO4 C . -3.83 15.62 -4.31
S SO4 D . -32.59 -30.50 -12.08
O1 SO4 D . -32.43 -31.64 -11.16
O2 SO4 D . -31.29 -29.97 -12.46
O3 SO4 D . -33.30 -30.95 -13.28
O4 SO4 D . -33.38 -29.44 -11.42
S SO4 E . -15.09 -4.43 3.88
O1 SO4 E . -15.69 -5.18 5.02
O2 SO4 E . -13.82 -5.02 3.58
O3 SO4 E . -16.00 -4.47 2.70
O4 SO4 E . -14.81 -3.00 4.26
C1 PEG F . 31.82 -9.71 -0.36
O1 PEG F . 30.68 -10.18 0.42
C2 PEG F . 33.14 -9.80 0.37
O2 PEG F . 34.12 -8.88 -0.14
C3 PEG F . 35.20 -8.56 0.76
C4 PEG F . 35.66 -7.17 0.54
O4 PEG F . 36.90 -6.96 1.19
C1 Q3B G . 13.91 22.99 4.71
C1 Q3B G . 13.92 23.01 4.71
O2 Q3B G . 13.27 21.72 4.77
O2 Q3B G . 13.26 21.75 4.78
C3 Q3B G . 14.19 20.72 4.60
C3 Q3B G . 14.19 20.73 4.60
C4 Q3B G . 13.74 19.42 4.79
C4 Q3B G . 13.71 19.44 4.79
C5 Q3B G . 14.61 18.36 4.63
C5 Q3B G . 14.57 18.38 4.61
C6 Q3B G . 15.93 18.59 4.28
C6 Q3B G . 15.89 18.60 4.26
C7 Q3B G . 16.38 19.88 4.07
C7 Q3B G . 16.35 19.89 4.06
C8 Q3B G . 15.51 20.95 4.23
C8 Q3B G . 15.49 20.96 4.23
N9 Q3B G . 16.76 17.47 4.12
N9 Q3B G . 16.73 17.48 4.08
C10 Q3B G . 18.04 17.33 4.64
C10 Q3B G . 17.97 17.35 4.64
O11 Q3B G . 18.64 18.20 5.25
O11 Q3B G . 18.58 18.23 5.23
N12 Q3B G . 18.55 16.08 4.36
N12 Q3B G . 18.47 16.08 4.41
C13 Q3B G . 19.74 15.54 4.89
C13 Q3B G . 19.66 15.55 4.94
C14 Q3B G . 19.67 14.44 5.73
C14 Q3B G . 19.62 14.42 5.72
C15 Q3B G . 20.83 13.88 6.23
C15 Q3B G . 20.79 13.88 6.22
C16 Q3B G . 22.07 14.40 5.88
C16 Q3B G . 22.01 14.47 5.91
C17 Q3B G . 22.15 15.48 5.02
C17 Q3B G . 22.04 15.61 5.12
C18 Q3B G . 20.98 16.04 4.54
C18 Q3B G . 20.87 16.13 4.64
C19 Q3B G . 23.42 16.06 4.62
C19 Q3B G . 23.29 16.22 4.70
C20 Q3B G . 24.71 15.56 4.68
C20 Q3B G . 24.46 16.34 5.41
N21 Q3B G . 25.49 16.59 4.19
N21 Q3B G . 25.31 16.99 4.56
C22 Q3B G . 24.68 17.63 3.89
C22 Q3B G . 24.65 17.23 3.40
N23 Q3B G . 23.43 17.34 4.12
N23 Q3B G . 23.41 16.77 3.45
C24 Q3B G . 26.95 16.74 4.12
C24 Q3B G . 26.68 17.40 4.78
C25 Q3B G . 27.73 15.77 3.25
C25 Q3B G . 27.63 16.24 4.60
C26 Q3B G . 29.16 15.72 3.76
C26 Q3B G . 29.00 16.62 5.04
C27 Q3B G . 30.02 16.00 2.56
C27 Q3B G . 29.91 16.00 4.02
C28 Q3B G . 29.08 16.03 1.39
C28 Q3B G . 29.00 15.47 2.93
O29 Q3B G . 27.75 16.22 1.90
O29 Q3B G . 27.67 15.89 3.22
C30 Q3B G . 25.28 14.31 5.07
C30 Q3B G . 24.81 15.94 6.73
N31 Q3B G . 25.56 14.00 6.31
N31 Q3B G . 24.41 16.64 7.76
C32 Q3B G . 26.18 12.76 6.37
C32 Q3B G . 24.83 16.04 8.92
C33 Q3B G . 26.65 12.07 7.48
C33 Q3B G . 24.59 16.45 10.21
N34 Q3B G . 27.24 10.89 7.30
N34 Q3B G . 25.07 15.70 11.21
C35 Q3B G . 27.38 10.44 6.04
C35 Q3B G . 25.75 14.59 10.92
N36 Q3B G . 26.97 11.00 4.89
N36 Q3B G . 26.05 14.10 9.71
C37 Q3B G . 26.39 12.18 5.13
C37 Q3B G . 25.55 14.86 8.74
S38 Q3B G . 25.75 13.16 3.88
S38 Q3B G . 25.71 14.52 7.07
N39 Q3B G . 26.48 12.57 8.78
N39 Q3B G . 23.87 17.63 10.43
C1 PEG H . -14.99 -37.52 1.42
O1 PEG H . -16.24 -37.69 2.05
C2 PEG H . -13.86 -37.74 2.36
O2 PEG H . -12.79 -36.87 2.06
C3 PEG H . -11.51 -37.48 2.12
C4 PEG H . -10.59 -36.84 1.13
O4 PEG H . -10.34 -35.49 1.44
#